data_6C4T
#
_entry.id   6C4T
#
_cell.length_a   186.096
_cell.length_b   49.258
_cell.length_c   59.106
_cell.angle_alpha   90.00
_cell.angle_beta   90.00
_cell.angle_gamma   90.00
#
_symmetry.space_group_name_H-M   'P 21 21 2'
#
loop_
_entity.id
_entity.type
_entity.pdbx_description
1 polymer 'Staphylopine dehydrogenase'
2 non-polymer '[(2R,3R,4R,5R)-5-(6-AMINO-9H-PURIN-9-YL)-3-HYDROXY-4-(PHOSPHONOOXY)TETRAHYDROFURAN-2-YL]METHYL [(2R,3S,4S)-3,4-DIHYDROXYTETRAHYDROFURAN-2-YL]METHYL DIHYDROGEN DIPHOSPHATE'
3 non-polymer GLYCEROL
4 water water
#
_entity_poly.entity_id   1
_entity_poly.type   'polypeptide(L)'
_entity_poly.pdbx_seq_one_letter_code
;HHHHHHSSGRENLYFQGHMSKLLMIGTGPVAIQLANICYLKSDYEIDMVGRASTSEKSKRLYQAYKKEKQFEVKIQNEAH
QHEGKFEINRLYKDVKNVKGEYETVVMACTADAYYDTLQQLSLETLQSVKHVILISPTFGSQMIVEQFMSKFSQDIEVIS
FSTYLGDTRIVDKEAPNHVLTTGVKKKLYMGSTHSNSTMCQRISALAEQLKIQLEVVESPLHAETRNSSLYVHPPLFMND
FSLKAIFEGTDVPVYVYKLFPEGPITMTLIREMRLMWKEMMAILQAFRVPSVNLLQFMVKENYPVRPETLDEGDIEHFEI
LPDILQEYLLYVRYTAILIDPFSQPDENGHYFDFSAVPFKQVYKNEQDVVQIPRMPSEDYYRTAMIQHIGKMLGIKTPMI
DQFLTRYEASCQAYKDMHQDQQLSSQFNTNLFEGDKALVTKFLEINRTLS
;
_entity_poly.pdbx_strand_id   A
#
loop_
_chem_comp.id
_chem_comp.type
_chem_comp.name
_chem_comp.formula
GOL non-polymer GLYCEROL 'C3 H8 O3'
NA7 non-polymer '[(2R,3R,4R,5R)-5-(6-AMINO-9H-PURIN-9-YL)-3-HYDROXY-4-(PHOSPHONOOXY)TETRAHYDROFURAN-2-YL]METHYL [(2R,3S,4S)-3,4-DIHYDROXYTETRAHYDROFURAN-2-YL]METHYL DIHYDROGEN DIPHOSPHATE' 'C15 H24 N5 O16 P3'
#
# COMPACT_ATOMS: atom_id res chain seq x y z
N MET A 19 8.20 29.66 -10.78
CA MET A 19 7.93 28.38 -11.44
C MET A 19 7.36 27.34 -10.47
N SER A 20 6.97 26.20 -11.03
CA SER A 20 6.20 25.23 -10.30
C SER A 20 7.09 24.37 -9.40
N LYS A 21 6.76 24.29 -8.11
CA LYS A 21 7.48 23.48 -7.15
C LYS A 21 6.70 22.21 -6.81
N LEU A 22 7.41 21.09 -6.65
CA LEU A 22 6.79 19.83 -6.21
C LEU A 22 7.49 19.31 -4.98
N LEU A 23 6.71 18.94 -3.98
CA LEU A 23 7.21 18.36 -2.74
C LEU A 23 6.96 16.86 -2.73
N MET A 24 8.04 16.08 -2.71
CA MET A 24 7.98 14.61 -2.58
C MET A 24 8.19 14.22 -1.12
N ILE A 25 7.17 13.61 -0.53
CA ILE A 25 7.22 13.17 0.86
C ILE A 25 7.48 11.67 0.88
N GLY A 26 8.67 11.27 1.36
CA GLY A 26 9.16 9.91 1.32
C GLY A 26 10.51 9.99 0.63
N THR A 27 11.43 9.12 1.05
CA THR A 27 12.74 9.04 0.43
C THR A 27 13.12 7.60 0.11
N GLY A 28 12.15 6.70 0.10
CA GLY A 28 12.49 5.35 -0.26
C GLY A 28 12.55 5.16 -1.76
N PRO A 29 12.58 3.89 -2.15
CA PRO A 29 12.69 3.55 -3.58
C PRO A 29 11.50 3.98 -4.43
N VAL A 30 10.30 4.00 -3.86
CA VAL A 30 9.15 4.51 -4.60
C VAL A 30 9.32 6.01 -4.86
N ALA A 31 9.71 6.76 -3.82
CA ALA A 31 9.88 8.20 -3.96
C ALA A 31 10.95 8.52 -5.00
N ILE A 32 12.02 7.72 -5.04
CA ILE A 32 13.13 7.99 -5.97
C ILE A 32 12.71 7.70 -7.40
N GLN A 33 11.98 6.62 -7.61
CA GLN A 33 11.47 6.32 -8.95
C GLN A 33 10.56 7.43 -9.40
N LEU A 34 9.65 7.84 -8.52
CA LEU A 34 8.72 8.89 -8.85
C LEU A 34 9.44 10.21 -9.09
N ALA A 35 10.41 10.55 -8.22
CA ALA A 35 11.16 11.78 -8.44
C ALA A 35 11.82 11.78 -9.81
N ASN A 36 12.28 10.62 -10.28
CA ASN A 36 12.92 10.61 -11.59
C ASN A 36 11.93 10.80 -12.71
N ILE A 37 10.70 10.31 -12.53
CA ILE A 37 9.70 10.50 -13.56
C ILE A 37 9.33 11.96 -13.65
N CYS A 38 9.26 12.65 -12.51
CA CYS A 38 8.96 14.08 -12.56
C CYS A 38 10.14 14.85 -13.13
N TYR A 39 11.35 14.50 -12.73
CA TYR A 39 12.56 15.12 -13.24
C TYR A 39 12.58 15.13 -14.76
N LEU A 40 12.29 13.98 -15.37
CA LEU A 40 12.39 13.74 -16.81
C LEU A 40 11.18 14.20 -17.57
N LYS A 41 10.00 14.11 -16.99
CA LYS A 41 8.79 14.31 -17.78
C LYS A 41 7.88 15.41 -17.23
N SER A 42 8.38 16.31 -16.37
CA SER A 42 7.57 17.42 -15.88
C SER A 42 8.44 18.67 -15.83
N ASP A 43 7.80 19.80 -15.57
CA ASP A 43 8.49 21.07 -15.43
C ASP A 43 8.50 21.53 -13.98
N TYR A 44 8.43 20.57 -13.05
CA TYR A 44 8.48 20.85 -11.63
C TYR A 44 9.91 20.82 -11.13
N GLU A 45 10.26 21.78 -10.30
CA GLU A 45 11.44 21.68 -9.47
C GLU A 45 11.07 20.87 -8.23
N ILE A 46 11.87 19.87 -7.92
CA ILE A 46 11.48 18.80 -6.99
C ILE A 46 12.20 18.98 -5.66
N ASP A 47 11.45 18.92 -4.58
CA ASP A 47 12.04 18.86 -3.26
C ASP A 47 11.59 17.55 -2.63
N MET A 48 12.46 16.99 -1.81
CA MET A 48 12.22 15.68 -1.22
C MET A 48 12.44 15.78 0.26
N VAL A 49 11.63 15.06 1.01
CA VAL A 49 11.73 15.08 2.46
C VAL A 49 11.48 13.70 3.06
N GLY A 50 12.40 13.27 3.91
CA GLY A 50 12.18 12.10 4.72
C GLY A 50 12.05 12.36 6.22
N ARG A 51 12.73 11.54 7.01
CA ARG A 51 12.78 11.73 8.46
C ARG A 51 14.15 11.26 8.93
N ALA A 52 15.19 11.77 8.27
CA ALA A 52 16.57 11.48 8.61
C ALA A 52 16.91 11.88 10.04
N SER A 53 16.07 12.65 10.74
CA SER A 53 16.36 12.95 12.14
C SER A 53 16.02 11.81 13.09
N THR A 54 15.14 10.88 12.69
CA THR A 54 14.59 9.92 13.65
C THR A 54 14.51 8.52 13.07
N SER A 55 15.25 8.24 12.01
CA SER A 55 15.13 7.00 11.27
C SER A 55 16.47 6.73 10.66
N GLU A 56 17.12 5.66 11.08
CA GLU A 56 18.42 5.35 10.51
C GLU A 56 18.33 5.17 9.00
N LYS A 57 17.19 4.68 8.52
CA LYS A 57 17.01 4.51 7.09
C LYS A 57 17.10 5.85 6.38
N SER A 58 16.22 6.79 6.75
CA SER A 58 16.25 8.12 6.15
C SER A 58 17.61 8.81 6.34
N LYS A 59 18.34 8.53 7.42
CA LYS A 59 19.71 9.05 7.52
C LYS A 59 20.62 8.48 6.46
N ARG A 60 20.54 7.17 6.23
CA ARG A 60 21.43 6.57 5.24
C ARG A 60 21.16 7.17 3.87
N LEU A 61 19.88 7.40 3.56
CA LEU A 61 19.51 8.02 2.31
C LEU A 61 20.05 9.45 2.26
N TYR A 62 19.93 10.18 3.38
CA TYR A 62 20.40 11.55 3.38
C TYR A 62 21.89 11.59 3.16
N GLN A 63 22.64 10.85 3.97
CA GLN A 63 24.09 10.84 3.84
C GLN A 63 24.51 10.44 2.44
N ALA A 64 23.77 9.52 1.82
CA ALA A 64 24.21 8.99 0.55
C ALA A 64 23.96 10.01 -0.56
N TYR A 65 22.77 10.64 -0.53
CA TYR A 65 22.50 11.67 -1.50
C TYR A 65 23.44 12.85 -1.29
N LYS A 66 23.63 13.27 -0.05
CA LYS A 66 24.59 14.32 0.25
C LYS A 66 25.91 14.05 -0.46
N LYS A 67 26.48 12.86 -0.24
CA LYS A 67 27.83 12.58 -0.72
C LYS A 67 27.87 12.53 -2.24
N GLU A 68 26.95 11.78 -2.86
CA GLU A 68 26.97 11.55 -4.31
C GLU A 68 26.32 12.68 -5.10
N LYS A 69 25.40 13.41 -4.49
CA LYS A 69 24.58 14.40 -5.15
C LYS A 69 23.80 13.82 -6.32
N GLN A 70 23.55 12.53 -6.31
CA GLN A 70 22.67 11.93 -7.31
C GLN A 70 21.85 10.80 -6.73
N PHE A 71 20.66 10.64 -7.30
CA PHE A 71 19.88 9.43 -7.25
C PHE A 71 20.08 8.66 -8.56
N GLU A 72 19.71 7.38 -8.53
CA GLU A 72 19.76 6.61 -9.76
C GLU A 72 18.69 5.55 -9.68
N VAL A 73 17.89 5.49 -10.73
CA VAL A 73 17.03 4.36 -11.02
C VAL A 73 17.71 3.53 -12.10
N LYS A 74 17.97 2.27 -11.79
CA LYS A 74 18.33 1.28 -12.78
C LYS A 74 17.12 0.40 -13.07
N ILE A 75 17.18 -0.24 -14.23
CA ILE A 75 16.09 -1.04 -14.80
C ILE A 75 16.59 -2.46 -15.05
N GLN A 76 15.70 -3.44 -14.86
CA GLN A 76 16.01 -4.85 -14.96
C GLN A 76 15.58 -5.44 -16.30
N ASN A 77 14.34 -5.21 -16.69
CA ASN A 77 13.85 -5.58 -18.00
C ASN A 77 13.91 -4.34 -18.89
N GLU A 78 14.66 -4.46 -20.00
CA GLU A 78 14.85 -3.38 -20.97
C GLU A 78 13.56 -2.85 -21.57
N ALA A 79 12.44 -3.44 -21.18
CA ALA A 79 11.12 -2.94 -21.52
C ALA A 79 10.76 -1.61 -20.82
N HIS A 80 11.64 -1.07 -19.95
CA HIS A 80 11.35 0.09 -19.11
C HIS A 80 12.40 1.20 -19.31
N GLN A 81 11.94 2.46 -19.49
CA GLN A 81 12.78 3.66 -19.59
C GLN A 81 12.46 4.66 -18.48
N HIS A 82 12.18 4.15 -17.26
CA HIS A 82 12.26 4.94 -16.05
C HIS A 82 13.65 5.06 -15.52
N GLU A 83 14.62 4.40 -16.15
CA GLU A 83 15.98 4.48 -15.68
C GLU A 83 16.40 5.95 -15.60
N GLY A 84 17.51 6.24 -14.96
CA GLY A 84 18.18 7.51 -15.13
C GLY A 84 18.84 7.95 -13.84
N LYS A 85 19.94 8.66 -13.98
CA LYS A 85 20.51 9.38 -12.87
C LYS A 85 19.94 10.78 -12.86
N PHE A 86 19.80 11.36 -11.67
CA PHE A 86 19.18 12.66 -11.56
C PHE A 86 19.50 13.26 -10.20
N GLU A 87 19.41 14.57 -10.16
CA GLU A 87 19.65 15.37 -8.97
C GLU A 87 18.37 16.13 -8.71
N ILE A 88 17.90 16.15 -7.47
CA ILE A 88 16.77 17.03 -7.18
C ILE A 88 17.25 18.40 -6.71
N ASN A 89 16.29 19.31 -6.50
CA ASN A 89 16.60 20.68 -6.13
C ASN A 89 16.98 20.76 -4.66
N ARG A 90 16.16 20.20 -3.79
CA ARG A 90 16.46 20.27 -2.37
C ARG A 90 15.99 19.00 -1.71
N LEU A 91 16.90 18.36 -1.00
CA LEU A 91 16.57 17.26 -0.13
C LEU A 91 16.54 17.75 1.31
N TYR A 92 15.35 17.87 1.86
CA TYR A 92 15.16 18.16 3.27
C TYR A 92 15.48 16.92 4.13
N LYS A 93 15.85 17.17 5.41
CA LYS A 93 16.10 16.14 6.41
C LYS A 93 14.88 15.76 7.24
N ASP A 94 13.92 16.66 7.46
CA ASP A 94 12.73 16.33 8.22
C ASP A 94 11.58 17.19 7.75
N VAL A 95 10.36 16.64 7.88
CA VAL A 95 9.18 17.34 7.40
C VAL A 95 9.13 18.74 7.98
N LYS A 96 9.65 18.92 9.18
CA LYS A 96 9.55 20.18 9.89
C LYS A 96 10.41 21.27 9.25
N ASN A 97 11.51 20.91 8.58
CA ASN A 97 12.31 21.89 7.86
C ASN A 97 11.60 22.48 6.64
N VAL A 98 10.58 21.79 6.11
CA VAL A 98 9.95 22.22 4.87
C VAL A 98 9.49 23.67 4.99
N LYS A 99 9.93 24.48 4.04
CA LYS A 99 9.67 25.91 3.98
C LYS A 99 9.11 26.23 2.60
N GLY A 100 8.18 27.15 2.55
CA GLY A 100 7.77 27.68 1.27
C GLY A 100 6.56 27.04 0.65
N GLU A 101 6.34 27.40 -0.61
CA GLU A 101 5.12 27.09 -1.32
C GLU A 101 5.36 26.00 -2.35
N TYR A 102 4.39 25.09 -2.48
CA TYR A 102 4.47 23.93 -3.38
C TYR A 102 3.08 23.74 -3.95
N GLU A 103 2.94 23.72 -5.27
CA GLU A 103 1.57 23.55 -5.74
C GLU A 103 1.16 22.10 -5.72
N THR A 104 2.14 21.21 -5.76
CA THR A 104 1.90 19.77 -5.82
C THR A 104 2.74 19.05 -4.80
N VAL A 105 2.10 18.16 -4.08
CA VAL A 105 2.76 17.31 -3.12
C VAL A 105 2.37 15.86 -3.42
N VAL A 106 3.37 15.04 -3.69
CA VAL A 106 3.22 13.60 -3.89
C VAL A 106 3.52 12.89 -2.55
N MET A 107 2.52 12.16 -2.05
CA MET A 107 2.70 11.28 -0.88
C MET A 107 3.21 9.93 -1.35
N ALA A 108 4.52 9.74 -1.23
CA ALA A 108 5.18 8.48 -1.56
C ALA A 108 5.55 7.71 -0.30
N CYS A 109 4.96 8.06 0.84
CA CYS A 109 5.15 7.39 2.13
C CYS A 109 4.04 6.34 2.31
N THR A 110 4.00 5.69 3.48
CA THR A 110 2.97 4.69 3.73
C THR A 110 1.70 5.37 4.21
N ALA A 111 0.56 4.74 3.94
CA ALA A 111 -0.70 5.45 4.08
C ALA A 111 -0.95 5.86 5.52
N ASP A 112 -0.43 5.10 6.48
CA ASP A 112 -0.71 5.42 7.88
C ASP A 112 0.07 6.62 8.37
N ALA A 113 0.89 7.23 7.53
CA ALA A 113 1.63 8.42 7.90
C ALA A 113 1.14 9.68 7.17
N TYR A 114 0.15 9.57 6.28
CA TYR A 114 -0.31 10.74 5.53
C TYR A 114 -0.65 11.89 6.48
N TYR A 115 -1.34 11.60 7.59
CA TYR A 115 -1.76 12.65 8.49
C TYR A 115 -0.61 13.12 9.37
N ASP A 116 0.14 12.18 9.96
CA ASP A 116 1.26 12.59 10.80
C ASP A 116 2.17 13.59 10.09
N THR A 117 2.38 13.42 8.78
CA THR A 117 3.40 14.20 8.08
C THR A 117 2.85 15.53 7.56
N LEU A 118 1.64 15.54 7.00
CA LEU A 118 1.08 16.81 6.55
C LEU A 118 0.93 17.78 7.72
N GLN A 119 0.50 17.27 8.87
CA GLN A 119 0.23 18.12 10.00
C GLN A 119 1.48 18.83 10.50
N GLN A 120 2.67 18.29 10.21
CA GLN A 120 3.94 18.93 10.53
C GLN A 120 4.35 20.01 9.53
N LEU A 121 3.62 20.19 8.45
CA LEU A 121 3.98 21.23 7.53
C LEU A 121 3.50 22.59 8.06
N SER A 122 4.13 23.64 7.55
CA SER A 122 3.81 25.01 7.93
C SER A 122 2.48 25.45 7.31
N LEU A 123 1.84 26.41 7.95
CA LEU A 123 0.63 26.99 7.37
C LEU A 123 0.87 27.56 5.97
N GLU A 124 2.02 28.22 5.73
CA GLU A 124 2.28 28.78 4.41
C GLU A 124 2.31 27.68 3.36
N THR A 125 2.93 26.55 3.72
CA THR A 125 3.04 25.41 2.81
C THR A 125 1.66 24.82 2.56
N LEU A 126 0.89 24.63 3.62
CA LEU A 126 -0.40 23.95 3.47
C LEU A 126 -1.39 24.78 2.68
N GLN A 127 -1.31 26.11 2.77
CA GLN A 127 -2.22 26.98 2.03
C GLN A 127 -1.86 27.14 0.56
N SER A 128 -0.60 26.87 0.19
CA SER A 128 -0.17 26.99 -1.20
C SER A 128 -0.52 25.79 -2.06
N VAL A 129 -0.94 24.66 -1.45
CA VAL A 129 -0.99 23.38 -2.14
C VAL A 129 -2.26 23.27 -2.97
N LYS A 130 -2.11 22.88 -4.25
CA LYS A 130 -3.25 22.64 -5.13
C LYS A 130 -3.56 21.16 -5.38
N HIS A 131 -2.56 20.28 -5.37
CA HIS A 131 -2.75 18.88 -5.69
C HIS A 131 -2.06 18.01 -4.64
N VAL A 132 -2.79 17.05 -4.07
CA VAL A 132 -2.18 16.00 -3.26
C VAL A 132 -2.38 14.67 -3.99
N ILE A 133 -1.27 14.01 -4.31
CA ILE A 133 -1.24 12.81 -5.10
C ILE A 133 -0.80 11.66 -4.19
N LEU A 134 -1.64 10.61 -4.12
CA LEU A 134 -1.53 9.54 -3.14
C LEU A 134 -1.14 8.25 -3.85
N ILE A 135 0.12 7.86 -3.71
CA ILE A 135 0.69 6.77 -4.49
C ILE A 135 0.22 5.42 -3.98
N SER A 136 0.29 5.20 -2.69
CA SER A 136 -0.10 3.89 -2.17
C SER A 136 -1.18 4.10 -1.15
N PRO A 137 -2.28 4.73 -1.52
CA PRO A 137 -3.31 5.01 -0.53
C PRO A 137 -4.01 3.72 -0.11
N THR A 138 -4.52 3.74 1.10
CA THR A 138 -5.50 2.74 1.47
C THR A 138 -6.91 3.26 1.18
N PHE A 139 -7.90 2.48 1.61
CA PHE A 139 -9.31 2.80 1.51
C PHE A 139 -9.65 3.93 2.47
N GLY A 140 -10.03 5.09 1.93
CA GLY A 140 -10.41 6.26 2.69
C GLY A 140 -9.29 7.23 2.98
N SER A 141 -8.11 7.01 2.38
CA SER A 141 -7.00 7.94 2.56
C SER A 141 -7.34 9.31 1.99
N GLN A 142 -7.91 9.32 0.78
CA GLN A 142 -8.36 10.56 0.20
C GLN A 142 -9.33 11.29 1.11
N MET A 143 -10.34 10.59 1.64
CA MET A 143 -11.24 11.25 2.58
C MET A 143 -10.47 11.92 3.71
N ILE A 144 -9.44 11.25 4.23
CA ILE A 144 -8.64 11.82 5.32
C ILE A 144 -7.87 13.05 4.85
N VAL A 145 -7.26 12.94 3.67
CA VAL A 145 -6.35 13.96 3.17
C VAL A 145 -7.11 15.18 2.70
N GLU A 146 -8.25 14.98 2.02
CA GLU A 146 -9.07 16.10 1.60
C GLU A 146 -9.60 16.85 2.81
N GLN A 147 -10.12 16.11 3.81
CA GLN A 147 -10.69 16.79 4.97
C GLN A 147 -9.61 17.60 5.69
N PHE A 148 -8.42 17.02 5.88
CA PHE A 148 -7.33 17.79 6.48
C PHE A 148 -6.99 19.05 5.68
N MET A 149 -6.61 18.88 4.41
CA MET A 149 -6.18 20.02 3.61
C MET A 149 -7.26 21.09 3.50
N SER A 150 -8.53 20.71 3.54
CA SER A 150 -9.61 21.67 3.32
C SER A 150 -9.52 22.86 4.26
N LYS A 151 -8.83 22.73 5.39
CA LYS A 151 -8.76 23.84 6.35
C LYS A 151 -7.86 24.96 5.87
N PHE A 152 -6.93 24.66 4.98
CA PHE A 152 -5.92 25.57 4.47
C PHE A 152 -6.07 25.84 2.99
N SER A 153 -6.50 24.85 2.22
CA SER A 153 -6.83 25.01 0.80
C SER A 153 -8.35 24.99 0.60
N GLN A 154 -8.89 26.05 0.05
CA GLN A 154 -10.30 26.07 -0.30
C GLN A 154 -10.67 24.94 -1.25
N ASP A 155 -9.84 24.69 -2.27
CA ASP A 155 -10.21 23.89 -3.42
C ASP A 155 -9.24 22.72 -3.67
N ILE A 156 -8.69 22.13 -2.61
CA ILE A 156 -7.64 21.14 -2.78
C ILE A 156 -8.11 20.05 -3.73
N GLU A 157 -7.23 19.64 -4.63
CA GLU A 157 -7.43 18.46 -5.46
C GLU A 157 -6.67 17.28 -4.85
N VAL A 158 -7.32 16.13 -4.75
CA VAL A 158 -6.69 14.93 -4.19
C VAL A 158 -6.83 13.81 -5.20
N ILE A 159 -5.70 13.18 -5.51
CA ILE A 159 -5.64 12.13 -6.52
C ILE A 159 -5.17 10.82 -5.84
N SER A 160 -6.00 9.78 -5.92
CA SER A 160 -5.66 8.46 -5.39
C SER A 160 -5.35 7.48 -6.53
N PHE A 161 -4.25 6.77 -6.39
CA PHE A 161 -3.92 5.63 -7.22
C PHE A 161 -4.36 4.34 -6.53
N SER A 162 -4.63 3.31 -7.34
CA SER A 162 -4.92 1.97 -6.81
C SER A 162 -3.69 1.38 -6.12
N THR A 163 -2.54 1.46 -6.78
CA THR A 163 -1.27 1.10 -6.17
C THR A 163 -0.15 1.87 -6.87
N TYR A 164 1.04 1.71 -6.30
CA TYR A 164 2.29 2.07 -6.93
C TYR A 164 2.48 1.32 -8.25
N LEU A 165 3.29 1.91 -9.15
CA LEU A 165 3.32 1.47 -10.55
C LEU A 165 4.03 0.14 -10.71
N GLY A 166 4.81 -0.27 -9.73
CA GLY A 166 5.47 -1.54 -9.91
C GLY A 166 6.25 -2.02 -8.73
N ASP A 167 7.47 -2.48 -8.98
CA ASP A 167 8.31 -2.97 -7.90
C ASP A 167 9.69 -2.37 -8.05
N THR A 168 10.12 -1.61 -7.04
CA THR A 168 11.49 -1.13 -7.01
C THR A 168 12.03 -1.28 -5.61
N ARG A 169 13.33 -1.48 -5.55
CA ARG A 169 14.00 -2.00 -4.38
C ARG A 169 15.37 -1.39 -4.34
N ILE A 170 15.92 -1.32 -3.16
CA ILE A 170 17.33 -1.03 -2.97
C ILE A 170 18.09 -2.35 -3.05
N VAL A 171 19.06 -2.43 -3.97
CA VAL A 171 19.87 -3.66 -4.08
C VAL A 171 21.09 -3.62 -3.16
N ASP A 172 21.35 -2.50 -2.48
CA ASP A 172 22.47 -2.40 -1.56
C ASP A 172 22.17 -1.32 -0.51
N LYS A 173 22.03 -1.74 0.75
CA LYS A 173 21.55 -0.83 1.79
C LYS A 173 22.52 0.31 2.07
N GLU A 174 23.79 0.18 1.71
CA GLU A 174 24.75 1.25 1.87
C GLU A 174 24.75 2.20 0.68
N ALA A 175 23.88 1.98 -0.29
CA ALA A 175 23.67 2.94 -1.39
C ALA A 175 22.19 3.04 -1.66
N PRO A 176 21.38 3.38 -0.65
CA PRO A 176 19.94 3.49 -0.85
C PRO A 176 19.51 4.60 -1.81
N ASN A 177 20.42 5.43 -2.31
CA ASN A 177 20.06 6.36 -3.35
C ASN A 177 20.10 5.72 -4.73
N HIS A 178 20.39 4.43 -4.80
CA HIS A 178 20.43 3.66 -6.03
C HIS A 178 19.36 2.60 -5.90
N VAL A 179 18.33 2.68 -6.73
CA VAL A 179 17.19 1.82 -6.63
C VAL A 179 17.01 1.08 -7.95
N LEU A 180 16.25 -0.02 -7.89
CA LEU A 180 16.11 -0.93 -9.03
C LEU A 180 14.63 -1.23 -9.19
N THR A 181 14.08 -0.87 -10.34
CA THR A 181 12.70 -1.21 -10.71
C THR A 181 12.71 -2.54 -11.48
N THR A 182 12.17 -3.57 -10.85
CA THR A 182 12.21 -4.96 -11.32
C THR A 182 10.97 -5.31 -12.13
N GLY A 183 9.84 -4.69 -11.81
CA GLY A 183 8.58 -5.04 -12.42
C GLY A 183 7.65 -3.85 -12.47
N VAL A 184 6.78 -3.86 -13.47
CA VAL A 184 5.81 -2.82 -13.68
C VAL A 184 4.44 -3.46 -13.86
N LYS A 185 3.46 -3.03 -13.07
CA LYS A 185 2.10 -3.53 -13.19
C LYS A 185 1.49 -3.34 -14.59
N LYS A 186 0.58 -4.26 -14.94
CA LYS A 186 -0.21 -4.19 -16.17
C LYS A 186 -1.04 -2.92 -16.20
N LYS A 187 -1.90 -2.76 -15.20
CA LYS A 187 -2.98 -1.81 -15.18
C LYS A 187 -2.95 -1.06 -13.85
N LEU A 188 -3.17 0.24 -13.90
CA LEU A 188 -3.37 1.04 -12.71
C LEU A 188 -4.72 1.69 -12.83
N TYR A 189 -5.29 2.03 -11.70
CA TYR A 189 -6.44 2.90 -11.68
C TYR A 189 -6.08 4.23 -11.01
N MET A 190 -6.84 5.27 -11.36
CA MET A 190 -6.59 6.62 -10.86
C MET A 190 -7.87 7.42 -10.83
N GLY A 191 -8.10 8.07 -9.70
CA GLY A 191 -9.27 8.92 -9.53
C GLY A 191 -8.87 10.23 -8.83
N SER A 192 -9.76 11.22 -8.92
CA SER A 192 -9.48 12.57 -8.40
C SER A 192 -10.74 13.19 -7.83
N THR A 193 -10.56 14.03 -6.82
CA THR A 193 -11.68 14.83 -6.36
C THR A 193 -12.22 15.71 -7.49
N HIS A 194 -11.42 15.94 -8.52
CA HIS A 194 -11.75 16.85 -9.62
C HIS A 194 -11.85 16.06 -10.92
N SER A 195 -13.06 15.67 -11.30
CA SER A 195 -13.22 14.89 -12.51
C SER A 195 -12.48 15.52 -13.68
N ASN A 196 -11.81 14.67 -14.44
CA ASN A 196 -11.10 15.00 -15.67
C ASN A 196 -10.46 16.38 -15.56
N SER A 197 -9.79 16.58 -14.43
CA SER A 197 -9.04 17.79 -14.16
C SER A 197 -7.91 17.95 -15.16
N THR A 198 -7.21 19.07 -15.07
CA THR A 198 -6.00 19.20 -15.87
C THR A 198 -4.91 18.25 -15.36
N MET A 199 -4.84 18.01 -14.05
CA MET A 199 -3.85 17.08 -13.50
C MET A 199 -4.15 15.64 -13.92
N CYS A 200 -5.42 15.20 -13.81
CA CYS A 200 -5.81 13.88 -14.33
C CYS A 200 -5.26 13.64 -15.72
N GLN A 201 -5.34 14.66 -16.57
CA GLN A 201 -5.04 14.51 -17.98
C GLN A 201 -3.53 14.37 -18.21
N ARG A 202 -2.73 15.14 -17.49
CA ARG A 202 -1.29 14.96 -17.55
C ARG A 202 -0.86 13.58 -17.05
N ILE A 203 -1.55 13.05 -16.05
CA ILE A 203 -1.15 11.76 -15.53
C ILE A 203 -1.44 10.66 -16.55
N SER A 204 -2.65 10.63 -17.09
CA SER A 204 -2.91 9.60 -18.08
C SER A 204 -2.09 9.84 -19.36
N ALA A 205 -1.71 11.08 -19.65
CA ALA A 205 -0.75 11.31 -20.74
C ALA A 205 0.67 10.90 -20.35
N LEU A 206 1.06 11.12 -19.08
CA LEU A 206 2.35 10.61 -18.62
C LEU A 206 2.35 9.07 -18.61
N ALA A 207 1.26 8.45 -18.16
CA ALA A 207 1.16 6.98 -18.19
C ALA A 207 1.37 6.45 -19.61
N GLU A 208 0.82 7.16 -20.58
CA GLU A 208 0.95 6.75 -21.96
C GLU A 208 2.42 6.74 -22.38
N GLN A 209 3.15 7.82 -22.01
CA GLN A 209 4.59 7.87 -22.29
C GLN A 209 5.32 6.70 -21.63
N LEU A 210 4.90 6.32 -20.41
CA LEU A 210 5.53 5.25 -19.67
C LEU A 210 5.06 3.85 -20.10
N LYS A 211 4.09 3.75 -20.99
CA LYS A 211 3.56 2.46 -21.45
C LYS A 211 2.81 1.71 -20.35
N ILE A 212 2.28 2.45 -19.39
CA ILE A 212 1.58 1.89 -18.23
C ILE A 212 0.11 2.17 -18.43
N GLN A 213 -0.68 1.13 -18.61
CA GLN A 213 -2.09 1.33 -18.87
C GLN A 213 -2.75 1.93 -17.64
N LEU A 214 -3.51 2.99 -17.84
CA LEU A 214 -4.12 3.70 -16.74
C LEU A 214 -5.61 3.81 -17.01
N GLU A 215 -6.40 3.21 -16.15
CA GLU A 215 -7.84 3.36 -16.20
C GLU A 215 -8.16 4.51 -15.28
N VAL A 216 -8.57 5.62 -15.85
CA VAL A 216 -9.03 6.71 -15.02
C VAL A 216 -10.41 6.35 -14.50
N VAL A 217 -10.57 6.45 -13.19
CA VAL A 217 -11.76 6.06 -12.46
C VAL A 217 -12.41 7.34 -11.91
N GLU A 218 -13.65 7.23 -11.46
CA GLU A 218 -14.46 8.42 -11.26
C GLU A 218 -14.36 9.06 -9.88
N SER A 219 -13.85 8.35 -8.87
CA SER A 219 -13.47 8.99 -7.62
C SER A 219 -12.18 8.37 -7.11
N PRO A 220 -11.47 9.04 -6.20
CA PRO A 220 -10.28 8.41 -5.60
C PRO A 220 -10.62 7.18 -4.79
N LEU A 221 -11.69 7.22 -3.99
CA LEU A 221 -12.14 6.06 -3.23
C LEU A 221 -12.26 4.84 -4.12
N HIS A 222 -12.76 5.05 -5.33
CA HIS A 222 -12.97 3.95 -6.26
C HIS A 222 -11.64 3.34 -6.71
N ALA A 223 -10.62 4.18 -6.94
CA ALA A 223 -9.30 3.64 -7.26
C ALA A 223 -8.70 2.93 -6.05
N GLU A 224 -9.08 3.33 -4.84
CA GLU A 224 -8.48 2.78 -3.63
C GLU A 224 -8.98 1.37 -3.34
N THR A 225 -10.15 1.00 -3.91
CA THR A 225 -10.67 -0.35 -3.78
C THR A 225 -10.16 -1.30 -4.85
N ARG A 226 -9.45 -0.82 -5.88
CA ARG A 226 -8.90 -1.68 -6.93
C ARG A 226 -7.51 -2.16 -6.59
N ASN A 227 -7.26 -2.39 -5.30
CA ASN A 227 -6.02 -2.98 -4.81
C ASN A 227 -6.35 -4.32 -4.13
N SER A 228 -5.78 -5.43 -4.65
CA SER A 228 -6.22 -6.76 -4.19
C SER A 228 -5.77 -7.05 -2.76
N SER A 229 -4.62 -6.51 -2.34
CA SER A 229 -4.09 -6.81 -1.02
C SER A 229 -4.97 -6.24 0.08
N LEU A 230 -5.84 -5.28 -0.25
CA LEU A 230 -6.75 -4.74 0.74
C LEU A 230 -7.73 -5.80 1.24
N TYR A 231 -8.09 -6.75 0.37
CA TYR A 231 -9.02 -7.82 0.71
C TYR A 231 -8.34 -9.08 1.16
N VAL A 232 -7.08 -9.35 0.79
CA VAL A 232 -6.46 -10.63 1.09
C VAL A 232 -5.35 -10.56 2.14
N HIS A 233 -4.81 -9.40 2.41
CA HIS A 233 -3.78 -9.29 3.45
C HIS A 233 -4.38 -9.43 4.85
N PRO A 234 -5.54 -8.84 5.15
CA PRO A 234 -6.10 -8.96 6.49
C PRO A 234 -6.38 -10.40 6.87
N PRO A 235 -6.96 -11.22 5.99
CA PRO A 235 -7.11 -12.66 6.33
C PRO A 235 -5.80 -13.41 6.40
N LEU A 236 -4.88 -13.17 5.46
CA LEU A 236 -3.62 -13.91 5.43
C LEU A 236 -2.78 -13.65 6.65
N PHE A 237 -2.81 -12.42 7.18
CA PHE A 237 -1.86 -12.03 8.21
C PHE A 237 -2.47 -11.90 9.61
N MET A 238 -3.78 -11.63 9.72
CA MET A 238 -4.39 -11.37 11.03
C MET A 238 -5.24 -12.57 11.45
N ASN A 239 -4.55 -13.71 11.54
CA ASN A 239 -5.08 -14.96 12.05
C ASN A 239 -4.06 -15.54 13.02
N ASP A 240 -4.49 -16.51 13.85
CA ASP A 240 -3.64 -17.00 14.94
C ASP A 240 -2.35 -17.64 14.43
N PHE A 241 -2.41 -18.34 13.32
CA PHE A 241 -1.23 -18.96 12.71
C PHE A 241 -0.20 -17.93 12.29
N SER A 242 -0.59 -17.10 11.33
CA SER A 242 0.27 -16.02 10.89
C SER A 242 0.72 -15.15 12.06
N LEU A 243 -0.18 -14.83 12.99
CA LEU A 243 0.23 -13.90 14.03
C LEU A 243 1.24 -14.52 14.99
N LYS A 244 1.11 -15.81 15.29
CA LYS A 244 2.16 -16.51 16.01
C LYS A 244 3.47 -16.44 15.24
N ALA A 245 3.45 -16.77 13.94
CA ALA A 245 4.69 -16.75 13.16
C ALA A 245 5.38 -15.40 13.22
N ILE A 246 4.63 -14.32 13.36
CA ILE A 246 5.22 -12.98 13.31
C ILE A 246 5.69 -12.49 14.69
N PHE A 247 4.84 -12.61 15.72
CA PHE A 247 5.17 -12.12 17.05
C PHE A 247 5.93 -13.14 17.90
N GLU A 248 5.84 -14.41 17.57
CA GLU A 248 6.63 -15.46 18.20
C GLU A 248 7.21 -16.30 17.09
N GLY A 249 8.28 -16.98 17.36
CA GLY A 249 8.79 -17.80 16.29
C GLY A 249 7.82 -18.90 15.84
N THR A 250 8.28 -19.67 14.86
CA THR A 250 7.86 -21.04 14.67
C THR A 250 9.07 -21.93 14.90
N ASP A 251 8.83 -23.17 15.37
CA ASP A 251 9.90 -24.15 15.52
C ASP A 251 10.59 -24.45 14.21
N VAL A 252 9.86 -24.32 13.11
CA VAL A 252 10.33 -24.61 11.75
C VAL A 252 9.87 -23.52 10.83
N PRO A 253 10.65 -23.18 9.80
CA PRO A 253 10.22 -22.10 8.91
C PRO A 253 8.84 -22.39 8.34
N VAL A 254 8.02 -21.35 8.29
CA VAL A 254 6.63 -21.41 7.91
C VAL A 254 6.39 -20.31 6.88
N TYR A 255 5.38 -20.50 6.03
CA TYR A 255 5.34 -19.74 4.78
C TYR A 255 3.96 -19.14 4.52
N VAL A 256 3.96 -17.88 4.06
CA VAL A 256 2.75 -17.06 3.94
C VAL A 256 1.70 -17.72 3.06
N TYR A 257 2.10 -18.24 1.92
CA TYR A 257 1.14 -18.67 0.90
C TYR A 257 0.98 -20.19 0.82
N LYS A 258 1.49 -20.94 1.78
CA LYS A 258 1.32 -22.38 1.72
C LYS A 258 0.11 -22.84 2.53
N LEU A 259 -0.23 -24.10 2.37
CA LEU A 259 -1.36 -24.72 3.03
C LEU A 259 -0.95 -25.23 4.38
N PHE A 260 -1.90 -25.23 5.30
CA PHE A 260 -1.66 -25.74 6.65
C PHE A 260 -1.21 -27.19 6.57
N PRO A 261 -0.16 -27.58 7.30
CA PRO A 261 0.57 -26.87 8.36
C PRO A 261 1.78 -26.03 7.88
N GLU A 262 2.03 -25.98 6.58
CA GLU A 262 3.19 -25.27 6.08
C GLU A 262 2.96 -23.75 6.09
N GLY A 263 1.70 -23.32 6.07
CA GLY A 263 1.32 -21.96 6.07
C GLY A 263 -0.12 -21.88 6.54
N PRO A 264 -0.76 -20.72 6.35
CA PRO A 264 -2.05 -20.49 7.00
C PRO A 264 -3.29 -20.93 6.22
N ILE A 265 -3.16 -21.30 4.97
CA ILE A 265 -4.33 -21.36 4.11
C ILE A 265 -5.13 -22.63 4.40
N THR A 266 -6.40 -22.43 4.72
CA THR A 266 -7.34 -23.46 5.08
C THR A 266 -8.68 -23.01 4.56
N MET A 267 -9.66 -23.91 4.58
CA MET A 267 -11.05 -23.53 4.26
C MET A 267 -11.50 -22.36 5.13
N THR A 268 -10.98 -22.30 6.35
CA THR A 268 -11.38 -21.30 7.32
C THR A 268 -10.84 -19.94 6.93
N LEU A 269 -9.55 -19.88 6.59
CA LEU A 269 -8.97 -18.63 6.09
C LEU A 269 -9.72 -18.11 4.87
N ILE A 270 -10.06 -19.01 3.94
CA ILE A 270 -10.75 -18.62 2.72
C ILE A 270 -12.16 -18.13 3.03
N ARG A 271 -12.82 -18.73 4.01
CA ARG A 271 -14.09 -18.16 4.46
C ARG A 271 -13.87 -16.75 5.02
N GLU A 272 -12.82 -16.55 5.82
CA GLU A 272 -12.55 -15.25 6.42
C GLU A 272 -12.30 -14.21 5.31
N MET A 273 -11.72 -14.65 4.20
CA MET A 273 -11.44 -13.77 3.08
C MET A 273 -12.71 -13.42 2.33
N ARG A 274 -13.60 -14.40 2.07
CA ARG A 274 -14.84 -14.06 1.38
C ARG A 274 -15.69 -13.13 2.25
N LEU A 275 -15.74 -13.40 3.56
CA LEU A 275 -16.55 -12.57 4.44
C LEU A 275 -16.07 -11.12 4.47
N MET A 276 -14.76 -10.91 4.56
CA MET A 276 -14.25 -9.55 4.50
C MET A 276 -14.55 -8.93 3.14
N TRP A 277 -14.33 -9.68 2.07
CA TRP A 277 -14.68 -9.18 0.75
C TRP A 277 -16.12 -8.70 0.73
N LYS A 278 -17.04 -9.48 1.31
CA LYS A 278 -18.42 -9.08 1.21
C LYS A 278 -18.74 -7.88 2.11
N GLU A 279 -18.14 -7.80 3.31
CA GLU A 279 -18.35 -6.61 4.12
C GLU A 279 -17.85 -5.38 3.40
N MET A 280 -16.69 -5.49 2.74
CA MET A 280 -16.18 -4.39 1.94
C MET A 280 -17.14 -4.03 0.82
N MET A 281 -17.73 -5.03 0.15
CA MET A 281 -18.68 -4.76 -0.93
C MET A 281 -19.93 -4.06 -0.43
N ALA A 282 -20.26 -4.24 0.86
CA ALA A 282 -21.34 -3.50 1.50
C ALA A 282 -21.01 -2.01 1.57
N ILE A 283 -19.87 -1.69 2.20
CA ILE A 283 -19.40 -0.31 2.27
C ILE A 283 -19.30 0.29 0.86
N LEU A 284 -18.86 -0.50 -0.12
CA LEU A 284 -18.71 0.00 -1.48
C LEU A 284 -20.07 0.28 -2.14
N GLN A 285 -21.08 -0.56 -1.86
CA GLN A 285 -22.40 -0.24 -2.41
C GLN A 285 -23.00 0.97 -1.72
N ALA A 286 -22.72 1.13 -0.43
CA ALA A 286 -23.12 2.33 0.28
C ALA A 286 -22.63 3.58 -0.47
N PHE A 287 -21.32 3.70 -0.66
CA PHE A 287 -20.74 4.78 -1.49
C PHE A 287 -21.09 4.66 -2.99
N ARG A 288 -22.06 3.83 -3.41
CA ARG A 288 -22.35 3.66 -4.83
C ARG A 288 -21.06 3.51 -5.63
N VAL A 289 -20.09 2.78 -5.06
CA VAL A 289 -18.85 2.41 -5.75
C VAL A 289 -19.08 1.00 -6.27
N PRO A 290 -18.63 0.67 -7.50
CA PRO A 290 -18.86 -0.68 -8.01
C PRO A 290 -18.00 -1.72 -7.31
N SER A 291 -18.44 -2.96 -7.44
CA SER A 291 -17.88 -4.02 -6.63
C SER A 291 -16.74 -4.64 -7.40
N VAL A 292 -15.84 -5.27 -6.65
CA VAL A 292 -14.64 -5.90 -7.20
C VAL A 292 -14.89 -7.41 -7.25
N ASN A 293 -14.85 -7.96 -8.45
CA ASN A 293 -14.76 -9.39 -8.66
C ASN A 293 -13.38 -9.85 -8.21
N LEU A 294 -13.30 -10.38 -6.99
CA LEU A 294 -12.01 -10.61 -6.35
C LEU A 294 -11.23 -11.68 -7.12
N LEU A 295 -11.89 -12.78 -7.45
CA LEU A 295 -11.25 -13.86 -8.21
C LEU A 295 -10.71 -13.36 -9.55
N GLN A 296 -11.59 -12.84 -10.41
CA GLN A 296 -11.16 -12.31 -11.71
C GLN A 296 -10.07 -11.26 -11.55
N PHE A 297 -10.17 -10.43 -10.51
CA PHE A 297 -9.11 -9.45 -10.26
C PHE A 297 -7.78 -10.16 -10.05
N MET A 298 -7.77 -11.24 -9.27
CA MET A 298 -6.53 -11.92 -8.97
C MET A 298 -5.99 -12.62 -10.21
N VAL A 299 -6.87 -13.03 -11.10
CA VAL A 299 -6.50 -13.95 -12.17
C VAL A 299 -6.03 -13.23 -13.43
N LYS A 300 -6.60 -12.06 -13.74
CA LYS A 300 -6.19 -11.26 -14.89
C LYS A 300 -5.20 -10.16 -14.51
N GLU A 301 -5.25 -9.65 -13.29
CA GLU A 301 -4.44 -8.49 -12.93
C GLU A 301 -3.36 -8.79 -11.91
N ASN A 302 -3.27 -10.03 -11.43
CA ASN A 302 -2.20 -10.41 -10.52
C ASN A 302 -1.31 -11.46 -11.18
N TYR A 303 -1.78 -12.69 -11.33
CA TYR A 303 -0.90 -13.67 -11.96
C TYR A 303 -1.75 -14.80 -12.53
N PRO A 304 -1.47 -15.26 -13.74
CA PRO A 304 -2.40 -16.19 -14.38
C PRO A 304 -2.14 -17.62 -13.92
N VAL A 305 -3.23 -18.37 -13.91
CA VAL A 305 -3.14 -19.79 -13.78
C VAL A 305 -3.48 -20.40 -15.14
N ARG A 306 -3.23 -21.71 -15.27
CA ARG A 306 -3.56 -22.45 -16.47
C ARG A 306 -5.06 -22.45 -16.74
N PRO A 307 -5.45 -22.40 -18.02
CA PRO A 307 -6.88 -22.58 -18.39
C PRO A 307 -7.57 -23.71 -17.66
N GLU A 308 -6.92 -24.88 -17.59
CA GLU A 308 -7.52 -26.10 -17.05
C GLU A 308 -7.87 -25.97 -15.58
N THR A 309 -7.46 -24.89 -14.92
CA THR A 309 -7.63 -24.83 -13.50
C THR A 309 -8.91 -24.14 -13.10
N LEU A 310 -9.33 -23.09 -13.82
CA LEU A 310 -10.52 -22.32 -13.48
C LEU A 310 -11.41 -22.17 -14.70
N ASP A 311 -12.69 -22.47 -14.52
CA ASP A 311 -13.67 -22.27 -15.58
C ASP A 311 -13.78 -20.77 -15.91
N GLU A 312 -13.77 -20.42 -17.19
CA GLU A 312 -13.83 -19.00 -17.52
C GLU A 312 -15.15 -18.38 -17.07
N GLY A 313 -16.25 -19.12 -17.14
CA GLY A 313 -17.51 -18.60 -16.65
C GLY A 313 -17.56 -18.49 -15.14
N ASP A 314 -16.77 -19.32 -14.44
CA ASP A 314 -16.67 -19.21 -12.99
C ASP A 314 -16.03 -17.89 -12.57
N ILE A 315 -15.03 -17.42 -13.31
CA ILE A 315 -14.36 -16.17 -12.91
C ILE A 315 -15.07 -14.94 -13.47
N GLU A 316 -15.76 -15.06 -14.61
CA GLU A 316 -16.62 -13.97 -15.10
C GLU A 316 -17.78 -13.76 -14.15
N HIS A 317 -18.53 -14.81 -13.85
CA HIS A 317 -19.70 -14.72 -13.00
C HIS A 317 -19.38 -14.93 -11.51
N PHE A 318 -18.12 -14.86 -11.11
CA PHE A 318 -17.74 -15.01 -9.71
C PHE A 318 -18.72 -14.44 -8.71
N GLU A 319 -19.17 -13.21 -8.94
CA GLU A 319 -19.97 -12.53 -7.93
C GLU A 319 -21.40 -13.09 -7.79
N ILE A 320 -21.96 -13.76 -8.82
CA ILE A 320 -23.30 -14.37 -8.70
C ILE A 320 -23.23 -15.65 -7.91
N LEU A 321 -22.09 -16.32 -7.93
CA LEU A 321 -21.92 -17.69 -7.49
C LEU A 321 -22.23 -17.86 -6.00
N PRO A 322 -22.74 -19.03 -5.60
CA PRO A 322 -22.99 -19.28 -4.18
C PRO A 322 -21.75 -19.12 -3.30
N ASP A 323 -22.01 -18.77 -2.03
CA ASP A 323 -20.95 -18.42 -1.06
C ASP A 323 -19.93 -19.53 -0.79
N ILE A 324 -20.22 -20.80 -1.09
CA ILE A 324 -19.21 -21.84 -0.92
C ILE A 324 -18.50 -22.15 -2.23
N LEU A 325 -19.15 -21.93 -3.37
CA LEU A 325 -18.43 -21.94 -4.64
C LEU A 325 -17.39 -20.84 -4.68
N GLN A 326 -17.76 -19.61 -4.26
CA GLN A 326 -16.79 -18.51 -4.17
C GLN A 326 -15.60 -18.92 -3.34
N GLU A 327 -15.85 -19.52 -2.16
CA GLU A 327 -14.76 -20.02 -1.33
C GLU A 327 -13.94 -21.05 -2.08
N TYR A 328 -14.61 -21.98 -2.75
CA TYR A 328 -13.94 -23.10 -3.40
C TYR A 328 -12.99 -22.58 -4.48
N LEU A 329 -13.41 -21.54 -5.21
CA LEU A 329 -12.65 -21.00 -6.32
C LEU A 329 -11.45 -20.20 -5.84
N LEU A 330 -11.62 -19.45 -4.75
CA LEU A 330 -10.51 -18.77 -4.06
C LEU A 330 -9.49 -19.75 -3.54
N TYR A 331 -9.96 -20.74 -2.76
CA TYR A 331 -9.09 -21.83 -2.33
C TYR A 331 -8.32 -22.42 -3.50
N VAL A 332 -9.02 -22.76 -4.60
CA VAL A 332 -8.36 -23.38 -5.74
C VAL A 332 -7.33 -22.44 -6.35
N ARG A 333 -7.67 -21.14 -6.46
CA ARG A 333 -6.72 -20.17 -6.99
C ARG A 333 -5.41 -20.19 -6.21
N TYR A 334 -5.49 -20.18 -4.89
CA TYR A 334 -4.28 -20.23 -4.08
C TYR A 334 -3.50 -21.52 -4.23
N THR A 335 -4.13 -22.67 -4.45
CA THR A 335 -3.35 -23.90 -4.70
C THR A 335 -2.71 -23.92 -6.09
N ALA A 336 -3.28 -23.22 -7.08
CA ALA A 336 -2.67 -23.16 -8.42
C ALA A 336 -1.35 -22.42 -8.40
N ILE A 337 -1.10 -21.65 -7.37
CA ILE A 337 0.03 -20.78 -7.30
C ILE A 337 1.08 -21.26 -6.33
N LEU A 338 0.84 -22.39 -5.66
CA LEU A 338 1.88 -22.95 -4.83
C LEU A 338 3.16 -23.08 -5.63
N ILE A 339 3.05 -23.47 -6.89
CA ILE A 339 4.11 -23.26 -7.87
C ILE A 339 3.69 -22.16 -8.85
N ASP A 340 4.67 -21.76 -9.69
CA ASP A 340 4.50 -20.97 -10.91
C ASP A 340 4.21 -21.96 -12.04
N PRO A 341 2.93 -22.13 -12.43
CA PRO A 341 2.62 -23.11 -13.50
C PRO A 341 3.09 -22.69 -14.90
N PHE A 342 3.64 -21.49 -15.08
CA PHE A 342 4.20 -21.11 -16.37
C PHE A 342 5.72 -21.12 -16.37
N SER A 343 6.35 -21.39 -15.24
CA SER A 343 7.78 -21.56 -15.16
C SER A 343 8.20 -22.84 -15.89
N GLN A 344 9.49 -22.97 -16.12
CA GLN A 344 10.04 -24.14 -16.79
C GLN A 344 10.23 -25.28 -15.79
N PRO A 345 9.56 -26.42 -15.99
CA PRO A 345 9.68 -27.54 -15.05
C PRO A 345 11.10 -28.10 -14.99
N ASP A 346 11.41 -28.61 -13.81
CA ASP A 346 12.53 -29.50 -13.55
C ASP A 346 12.56 -30.66 -14.54
N GLU A 347 13.74 -31.30 -14.62
CA GLU A 347 13.85 -32.64 -15.21
C GLU A 347 13.05 -33.66 -14.42
N ASN A 348 12.62 -33.30 -13.20
CA ASN A 348 11.83 -34.11 -12.30
C ASN A 348 10.36 -33.69 -12.21
N GLY A 349 9.90 -32.78 -13.06
CA GLY A 349 8.52 -32.33 -12.96
C GLY A 349 8.25 -31.16 -12.06
N HIS A 350 9.26 -30.62 -11.44
CA HIS A 350 9.05 -29.76 -10.31
C HIS A 350 9.26 -28.33 -10.76
N TYR A 351 8.40 -27.46 -10.30
CA TYR A 351 8.33 -26.08 -10.76
C TYR A 351 8.94 -25.14 -9.73
N PHE A 352 8.96 -23.86 -10.06
CA PHE A 352 9.48 -22.91 -9.10
C PHE A 352 8.53 -22.80 -7.92
N ASP A 353 9.08 -22.92 -6.70
CA ASP A 353 8.32 -22.81 -5.45
C ASP A 353 7.84 -21.38 -5.20
N PHE A 354 6.92 -20.94 -6.02
CA PHE A 354 6.41 -19.59 -5.99
C PHE A 354 5.90 -19.16 -4.61
N SER A 355 5.48 -20.10 -3.75
CA SER A 355 4.70 -19.79 -2.55
C SER A 355 5.52 -19.85 -1.24
N ALA A 356 6.83 -20.06 -1.33
CA ALA A 356 7.66 -20.12 -0.14
C ALA A 356 8.23 -18.72 0.17
N VAL A 357 7.27 -17.81 0.42
CA VAL A 357 7.54 -16.46 0.89
C VAL A 357 7.48 -16.46 2.41
N PRO A 358 8.58 -16.22 3.10
CA PRO A 358 8.54 -16.30 4.58
C PRO A 358 7.80 -15.10 5.17
N PHE A 359 7.47 -15.21 6.46
CA PHE A 359 6.97 -14.05 7.19
C PHE A 359 8.16 -13.31 7.76
N LYS A 360 8.18 -12.00 7.52
CA LYS A 360 8.98 -11.09 8.33
C LYS A 360 8.43 -11.07 9.76
N GLN A 361 9.31 -11.26 10.72
CA GLN A 361 8.94 -11.24 12.12
C GLN A 361 9.26 -9.90 12.78
N VAL A 362 8.80 -9.77 14.02
CA VAL A 362 9.10 -8.57 14.78
C VAL A 362 10.59 -8.52 15.02
N TYR A 363 11.14 -7.29 15.03
CA TYR A 363 12.57 -7.08 15.00
C TYR A 363 12.95 -5.77 15.70
N LYS A 364 14.14 -5.77 16.29
CA LYS A 364 14.71 -4.58 16.89
C LYS A 364 15.42 -3.74 15.82
N ASN A 365 15.14 -2.45 15.80
CA ASN A 365 15.77 -1.51 14.89
C ASN A 365 17.17 -1.12 15.40
N GLU A 366 17.77 -0.11 14.76
CA GLU A 366 19.17 0.21 15.06
C GLU A 366 19.35 0.79 16.46
N GLN A 367 18.33 1.47 16.98
CA GLN A 367 18.29 1.95 18.35
C GLN A 367 17.70 0.93 19.37
N ASP A 368 17.65 -0.36 19.03
CA ASP A 368 17.19 -1.45 19.92
C ASP A 368 15.70 -1.38 20.26
N VAL A 369 14.88 -0.85 19.35
CA VAL A 369 13.44 -0.73 19.56
C VAL A 369 12.70 -1.74 18.66
N VAL A 370 11.83 -2.56 19.28
CA VAL A 370 11.06 -3.58 18.57
C VAL A 370 10.12 -2.94 17.55
N GLN A 371 10.18 -3.39 16.31
CA GLN A 371 9.21 -2.98 15.30
C GLN A 371 8.31 -4.15 14.90
N ILE A 372 7.09 -3.82 14.50
CA ILE A 372 6.23 -4.76 13.78
C ILE A 372 6.46 -4.59 12.27
N PRO A 373 6.62 -5.65 11.50
CA PRO A 373 6.87 -5.49 10.06
C PRO A 373 5.66 -4.89 9.35
N ARG A 374 5.90 -4.45 8.10
CA ARG A 374 4.86 -3.82 7.30
C ARG A 374 3.61 -4.66 7.29
N MET A 375 3.76 -5.94 7.09
CA MET A 375 2.64 -6.82 7.13
C MET A 375 2.77 -7.63 8.41
N PRO A 376 1.82 -7.54 9.36
CA PRO A 376 0.49 -6.89 9.24
C PRO A 376 0.33 -5.47 9.75
N SER A 377 1.37 -4.68 10.06
CA SER A 377 1.06 -3.41 10.72
C SER A 377 0.47 -2.39 9.76
N GLU A 378 0.69 -2.50 8.44
CA GLU A 378 -0.07 -1.66 7.51
C GLU A 378 -1.50 -2.18 7.34
N ASP A 379 -1.73 -3.49 7.48
CA ASP A 379 -3.08 -4.05 7.39
C ASP A 379 -3.88 -3.81 8.67
N TYR A 380 -3.23 -3.55 9.82
CA TYR A 380 -3.97 -3.04 10.98
C TYR A 380 -4.49 -1.62 10.71
N TYR A 381 -3.69 -0.76 10.08
CA TYR A 381 -4.18 0.57 9.78
C TYR A 381 -5.34 0.51 8.81
N ARG A 382 -5.18 -0.22 7.69
CA ARG A 382 -6.22 -0.22 6.67
C ARG A 382 -7.52 -0.78 7.22
N THR A 383 -7.41 -1.87 7.97
CA THR A 383 -8.54 -2.54 8.57
C THR A 383 -9.20 -1.68 9.64
N ALA A 384 -8.38 -1.02 10.47
CA ALA A 384 -8.91 -0.14 11.49
C ALA A 384 -9.67 1.01 10.87
N MET A 385 -9.24 1.50 9.71
CA MET A 385 -10.00 2.56 9.02
C MET A 385 -11.27 2.00 8.40
N ILE A 386 -11.16 0.88 7.71
CA ILE A 386 -12.36 0.28 7.12
C ILE A 386 -13.38 -0.03 8.20
N GLN A 387 -12.92 -0.49 9.36
CA GLN A 387 -13.81 -0.67 10.50
C GLN A 387 -14.55 0.62 10.81
N HIS A 388 -13.80 1.72 10.90
CA HIS A 388 -14.34 3.00 11.38
C HIS A 388 -15.36 3.57 10.42
N ILE A 389 -15.06 3.52 9.12
CA ILE A 389 -16.02 3.92 8.09
C ILE A 389 -17.30 3.12 8.24
N GLY A 390 -17.18 1.78 8.25
CA GLY A 390 -18.33 0.92 8.35
C GLY A 390 -19.12 1.12 9.63
N LYS A 391 -18.44 1.43 10.73
CA LYS A 391 -19.14 1.82 11.95
C LYS A 391 -20.09 2.98 11.69
N MET A 392 -19.61 4.01 11.01
CA MET A 392 -20.40 5.22 10.87
C MET A 392 -21.32 5.24 9.67
N LEU A 393 -21.28 4.22 8.82
CA LEU A 393 -22.40 3.97 7.93
C LEU A 393 -23.44 3.05 8.57
N GLY A 394 -23.25 2.70 9.85
CA GLY A 394 -24.09 1.70 10.47
C GLY A 394 -23.95 0.32 9.83
N ILE A 395 -22.87 0.10 9.12
CA ILE A 395 -22.60 -1.18 8.49
C ILE A 395 -21.79 -2.06 9.44
N LYS A 396 -22.23 -3.30 9.59
CA LYS A 396 -21.57 -4.24 10.46
C LYS A 396 -20.39 -4.86 9.74
N THR A 397 -19.27 -4.96 10.45
CA THR A 397 -18.02 -5.51 9.90
C THR A 397 -17.50 -6.60 10.82
N PRO A 398 -18.27 -7.66 11.07
CA PRO A 398 -17.87 -8.65 12.08
C PRO A 398 -16.55 -9.36 11.78
N MET A 399 -16.18 -9.55 10.51
CA MET A 399 -14.91 -10.23 10.25
C MET A 399 -13.75 -9.29 10.47
N ILE A 400 -13.92 -8.04 10.00
CA ILE A 400 -12.96 -6.97 10.27
C ILE A 400 -12.73 -6.87 11.77
N ASP A 401 -13.85 -6.82 12.52
CA ASP A 401 -13.82 -6.69 13.96
C ASP A 401 -12.89 -7.73 14.56
N GLN A 402 -13.04 -8.96 14.12
CA GLN A 402 -12.24 -10.06 14.65
C GLN A 402 -10.78 -9.87 14.27
N PHE A 403 -10.53 -9.53 13.00
CA PHE A 403 -9.17 -9.24 12.56
C PHE A 403 -8.46 -8.31 13.55
N LEU A 404 -9.12 -7.22 13.96
CA LEU A 404 -8.47 -6.19 14.76
C LEU A 404 -8.23 -6.65 16.20
N THR A 405 -9.20 -7.36 16.81
CA THR A 405 -8.99 -7.84 18.17
C THR A 405 -7.85 -8.86 18.21
N ARG A 406 -7.76 -9.69 17.17
CA ARG A 406 -6.64 -10.64 17.07
C ARG A 406 -5.29 -9.92 17.14
N TYR A 407 -5.11 -8.92 16.26
CA TYR A 407 -3.83 -8.20 16.18
C TYR A 407 -3.52 -7.48 17.48
N GLU A 408 -4.53 -6.88 18.10
CA GLU A 408 -4.36 -6.16 19.36
C GLU A 408 -4.01 -7.11 20.50
N ALA A 409 -4.64 -8.27 20.55
CA ALA A 409 -4.25 -9.24 21.56
C ALA A 409 -2.83 -9.72 21.34
N SER A 410 -2.39 -9.85 20.07
CA SER A 410 -0.99 -10.17 19.82
C SER A 410 -0.06 -9.01 20.23
N CYS A 411 -0.53 -7.77 20.13
CA CYS A 411 0.29 -6.68 20.62
C CYS A 411 0.37 -6.70 22.14
N GLN A 412 -0.78 -6.74 22.80
CA GLN A 412 -0.80 -6.86 24.26
C GLN A 412 0.04 -8.04 24.77
N ALA A 413 -0.02 -9.20 24.10
CA ALA A 413 0.78 -10.34 24.56
C ALA A 413 2.26 -10.07 24.40
N TYR A 414 2.67 -9.44 23.29
CA TYR A 414 4.08 -9.08 23.15
C TYR A 414 4.51 -8.13 24.28
N LYS A 415 3.64 -7.16 24.63
CA LYS A 415 3.97 -6.23 25.71
C LYS A 415 4.18 -6.98 27.04
N ASP A 416 3.27 -7.90 27.37
CA ASP A 416 3.39 -8.64 28.62
C ASP A 416 4.61 -9.57 28.62
N MET A 417 4.82 -10.30 27.52
CA MET A 417 5.91 -11.25 27.37
C MET A 417 7.28 -10.57 27.25
N HIS A 418 7.32 -9.26 27.05
CA HIS A 418 8.56 -8.59 26.70
C HIS A 418 8.60 -7.21 27.34
N GLN A 419 8.41 -7.17 28.66
CA GLN A 419 8.49 -5.95 29.44
C GLN A 419 9.92 -5.44 29.55
N ASP A 420 10.91 -6.29 29.24
CA ASP A 420 12.33 -5.95 29.26
C ASP A 420 12.79 -5.21 27.99
N GLN A 421 11.88 -4.79 27.12
CA GLN A 421 12.22 -4.33 25.79
C GLN A 421 11.53 -3.00 25.54
N GLN A 422 12.23 -2.12 24.82
CA GLN A 422 11.67 -0.94 24.19
C GLN A 422 10.80 -1.33 23.01
N LEU A 423 9.55 -0.90 23.00
CA LEU A 423 8.65 -1.18 21.89
C LEU A 423 8.37 0.11 21.15
N SER A 424 7.82 -0.05 19.96
CA SER A 424 7.56 1.10 19.12
C SER A 424 6.13 1.54 19.30
N SER A 425 5.80 2.71 18.73
CA SER A 425 4.47 3.24 18.88
C SER A 425 3.41 2.31 18.32
N GLN A 426 3.80 1.34 17.48
CA GLN A 426 2.86 0.41 16.87
C GLN A 426 2.22 -0.53 17.85
N PHE A 427 2.79 -0.71 19.03
CA PHE A 427 2.18 -1.58 20.02
C PHE A 427 1.12 -0.86 20.87
N ASN A 428 0.81 0.38 20.54
CA ASN A 428 -0.03 1.23 21.37
C ASN A 428 -1.51 1.09 21.05
N THR A 429 -2.29 1.35 22.09
CA THR A 429 -3.73 1.44 21.99
C THR A 429 -4.15 2.80 21.42
N ASN A 430 -5.36 2.85 20.83
CA ASN A 430 -5.99 4.10 20.41
C ASN A 430 -5.19 4.85 19.34
N LEU A 431 -4.52 4.14 18.45
CA LEU A 431 -3.78 4.80 17.39
C LEU A 431 -4.77 5.39 16.37
N PHE A 432 -4.29 6.35 15.58
CA PHE A 432 -5.08 6.88 14.46
C PHE A 432 -6.28 7.69 14.94
N GLU A 433 -6.23 8.31 16.11
CA GLU A 433 -7.37 9.14 16.52
C GLU A 433 -7.54 10.30 15.57
N GLY A 434 -6.44 10.95 15.21
CA GLY A 434 -6.42 11.91 14.15
C GLY A 434 -7.16 11.43 12.91
N ASP A 435 -6.67 10.37 12.25
CA ASP A 435 -7.32 9.89 11.03
C ASP A 435 -8.79 9.56 11.24
N LYS A 436 -9.13 8.93 12.36
CA LYS A 436 -10.50 8.49 12.58
C LYS A 436 -11.44 9.68 12.62
N ALA A 437 -10.98 10.79 13.19
CA ALA A 437 -11.82 11.98 13.30
C ALA A 437 -11.98 12.67 11.95
N LEU A 438 -10.96 12.57 11.09
CA LEU A 438 -11.04 13.22 9.79
C LEU A 438 -12.07 12.55 8.89
N VAL A 439 -12.09 11.20 8.87
CA VAL A 439 -13.15 10.49 8.13
C VAL A 439 -14.51 10.70 8.78
N THR A 440 -14.57 10.93 10.09
CA THR A 440 -15.86 11.28 10.70
C THR A 440 -16.34 12.64 10.23
N LYS A 441 -15.52 13.66 10.39
CA LYS A 441 -15.89 14.96 9.86
C LYS A 441 -16.26 14.85 8.38
N PHE A 442 -15.47 14.09 7.60
CA PHE A 442 -15.69 14.02 6.17
C PHE A 442 -17.07 13.46 5.83
N LEU A 443 -17.40 12.31 6.40
CA LEU A 443 -18.65 11.61 6.05
C LEU A 443 -19.91 12.38 6.53
N GLU A 444 -19.89 12.92 7.76
CA GLU A 444 -20.95 13.84 8.20
C GLU A 444 -21.20 14.96 7.18
N ILE A 445 -20.21 15.82 6.98
CA ILE A 445 -20.20 16.85 5.94
C ILE A 445 -20.45 16.26 4.54
N ASN A 446 -20.19 14.97 4.34
CA ASN A 446 -20.26 14.38 2.98
C ASN A 446 -20.89 12.98 3.04
PA NA7 B . 9.71 2.94 2.49
O1A NA7 B . 9.63 2.18 3.74
O2A NA7 B . 11.23 3.26 2.24
O5B NA7 B . 8.75 4.28 2.73
C5B NA7 B . 8.84 5.47 1.93
C4B NA7 B . 9.30 6.68 2.77
O4B NA7 B . 8.13 7.11 3.70
C3B NA7 B . 10.29 6.40 3.52
O3B NA7 B . 11.37 7.33 3.31
C2B NA7 B . 9.74 6.53 5.06
O2B NA7 B . 10.88 6.85 5.94
C1B NA7 B . 8.86 7.46 5.03
N9A NA7 B . 7.88 7.38 6.19
C8A NA7 B . 7.10 6.45 6.78
N7A NA7 B . 6.47 7.07 7.81
C5A NA7 B . 6.86 8.38 7.86
C6A NA7 B . 6.48 9.43 8.72
N6A NA7 B . 5.61 9.62 9.88
N1A NA7 B . 7.02 10.67 8.52
C2A NA7 B . 7.90 10.88 7.50
N3A NA7 B . 8.26 9.85 6.66
C4A NA7 B . 7.72 8.60 6.84
O3 NA7 B . 9.12 2.00 1.24
PN NA7 B . 8.66 2.45 -0.24
O1N NA7 B . 9.63 3.39 -0.81
O2N NA7 B . 8.60 1.21 -1.15
O5D NA7 B . 7.13 3.14 -0.06
C5D NA7 B . 6.16 3.20 -1.17
C4D NA7 B . 4.75 2.71 -0.79
O4D NA7 B . 4.38 1.27 -1.42
C3D NA7 B . 4.77 2.50 0.50
O3D NA7 B . 4.57 3.83 1.17
C2D NA7 B . 3.68 1.43 0.78
O2D NA7 B . 2.54 1.90 1.38
C1D NA7 B . 3.41 0.84 -0.63
P2B NA7 B . 12.10 5.71 6.33
O1X NA7 B . 12.90 5.26 5.10
O2X NA7 B . 13.01 6.44 7.26
O3X NA7 B . 11.48 4.48 6.99
C1 GOL C . -0.01 24.43 10.81
O1 GOL C . -0.97 25.44 10.86
C2 GOL C . -0.56 23.25 11.63
O2 GOL C . -1.08 22.18 10.87
C3 GOL C . 0.64 22.86 12.48
O3 GOL C . 1.78 22.78 11.61
H11 GOL C . 0.18 24.13 9.90
H12 GOL C . 0.83 24.73 11.18
HO1 GOL C . -0.65 26.10 10.43
H2 GOL C . -1.30 23.55 12.20
HO2 GOL C . -0.45 21.90 10.37
H31 GOL C . 0.74 23.49 13.20
H32 GOL C . 0.46 22.00 12.91
HO3 GOL C . 2.45 22.57 12.10
#